data_6BAK
#
_entry.id   6BAK
#
_cell.length_a   131.449
_cell.length_b   131.449
_cell.length_c   95.741
_cell.angle_alpha   90.00
_cell.angle_beta   90.00
_cell.angle_gamma   120.00
#
_symmetry.space_group_name_H-M   'P 32 2 1'
#
loop_
_entity.id
_entity.type
_entity.pdbx_description
1 polymer 'Photoreceptor-histidine kinase BphP'
2 non-polymer '3-[5-[(Z)-(4-ethenyl-3-methyl-5-oxidanylidene-pyrrol-2-ylidene)methyl]-2-[[5-[(Z)-(3-ethenyl-4-methyl-5-oxidanylidene-pyrrol-2-ylidene)methyl]-3-(3-hydroxy-3-oxopropyl)-4-methyl-1H-pyrrol-2-yl]methyl]-4-methyl-1H-pyrrol-3-yl]propanoic acid'
3 water water
#
_entity_poly.entity_id   1
_entity_poly.type   'polypeptide(L)'
_entity_poly.pdbx_seq_one_letter_code
;TNCDREPIHIPGAIQPHGVLLVLSEPGLVLTHASENAPAVLGNSAEQLLGAPLGHFIEPSVREPLEADLRSARLKQLNPL
KVVWRVDGVDRFFDGIAHRHQGRLILELEPSSHREAVPFLSFFHAVRDGLSRLRDARDLQELCEAVVQEVRGLTGFDRAI
IYRFDAEWNGSVIAEARDARADPYLGLHFPASDIPRQARELYQLNWLRIIPTIDYQPARVRALPGHGEPLDLSFSVLRSV
SPIHLEYLHNMGVQASMSISLMKDGKLWGLISCHQVSGTRYVPYEVRTACEFLGEVMSSLLAA
;
_entity_poly.pdbx_strand_id   A
#
loop_
_chem_comp.id
_chem_comp.type
_chem_comp.name
_chem_comp.formula
BLR non-polymer '3-[5-[(Z)-(4-ethenyl-3-methyl-5-oxidanylidene-pyrrol-2-ylidene)methyl]-2-[[5-[(Z)-(3-ethenyl-4-methyl-5-oxidanylidene-pyrrol-2-ylidene)methyl]-3-(3-hydroxy-3-oxopropyl)-4-methyl-1H-pyrrol-2-yl]methyl]-4-methyl-1H-pyrrol-3-yl]propanoic acid' 'C33 H36 N4 O6'
#
# COMPACT_ATOMS: atom_id res chain seq x y z
N THR A 1 -4.40 -10.43 -26.80
CA THR A 1 -4.77 -10.37 -25.39
C THR A 1 -3.55 -10.31 -24.45
N ASN A 2 -3.31 -11.43 -23.75
CA ASN A 2 -2.19 -11.55 -22.82
C ASN A 2 -2.21 -10.46 -21.74
N CYS A 3 -1.03 -10.14 -21.19
CA CYS A 3 -0.98 -9.60 -19.83
C CYS A 3 -1.56 -8.21 -19.72
N ASP A 4 -1.27 -7.36 -20.72
CA ASP A 4 -1.71 -5.97 -20.77
C ASP A 4 -3.23 -5.80 -20.59
N ARG A 5 -4.05 -6.85 -20.70
CA ARG A 5 -5.50 -6.67 -20.77
C ARG A 5 -6.25 -6.79 -19.44
N GLU A 6 -5.77 -7.57 -18.48
CA GLU A 6 -6.51 -7.78 -17.24
C GLU A 6 -6.77 -6.44 -16.53
N PRO A 7 -7.96 -6.19 -16.10
CA PRO A 7 -8.29 -4.91 -15.41
C PRO A 7 -8.02 -4.97 -13.89
N ILE A 8 -6.75 -4.76 -13.55
CA ILE A 8 -6.31 -4.98 -12.18
C ILE A 8 -6.86 -3.95 -11.23
N HIS A 9 -7.40 -2.84 -11.71
CA HIS A 9 -7.90 -1.80 -10.82
C HIS A 9 -9.33 -2.05 -10.35
N ILE A 10 -10.00 -3.07 -10.87
CA ILE A 10 -11.37 -3.33 -10.39
C ILE A 10 -11.54 -4.80 -10.05
N PRO A 11 -10.76 -5.37 -9.13
CA PRO A 11 -10.91 -6.80 -8.81
C PRO A 11 -12.15 -7.12 -8.02
N GLY A 12 -12.83 -6.15 -7.42
CA GLY A 12 -14.01 -6.51 -6.66
C GLY A 12 -13.74 -7.00 -5.26
N ALA A 13 -12.47 -7.05 -4.85
CA ALA A 13 -12.10 -7.63 -3.57
C ALA A 13 -10.83 -6.96 -3.05
N ILE A 14 -10.56 -7.19 -1.76
CA ILE A 14 -9.41 -6.61 -1.08
C ILE A 14 -8.63 -7.71 -0.36
N GLN A 15 -7.41 -7.36 0.00
CA GLN A 15 -6.63 -8.19 0.88
C GLN A 15 -7.24 -8.09 2.27
N PRO A 16 -7.50 -9.20 2.94
CA PRO A 16 -8.39 -9.18 4.10
C PRO A 16 -7.77 -8.73 5.42
N HIS A 17 -6.52 -8.27 5.45
CA HIS A 17 -5.99 -7.82 6.73
C HIS A 17 -6.44 -6.42 7.11
N GLY A 18 -7.07 -5.67 6.20
CA GLY A 18 -7.74 -4.43 6.56
C GLY A 18 -9.19 -4.49 6.09
N VAL A 19 -9.93 -3.43 6.37
CA VAL A 19 -11.31 -3.35 5.90
C VAL A 19 -11.39 -2.16 4.96
N LEU A 20 -12.16 -2.32 3.87
CA LEU A 20 -12.48 -1.22 2.97
C LEU A 20 -13.95 -0.81 3.11
N LEU A 21 -14.18 0.48 3.33
CA LEU A 21 -15.50 1.08 3.34
C LEU A 21 -15.58 2.15 2.26
N VAL A 22 -16.80 2.33 1.68
CA VAL A 22 -17.11 3.49 0.85
C VAL A 22 -18.17 4.32 1.58
N LEU A 23 -17.97 5.64 1.60
CA LEU A 23 -18.75 6.56 2.40
C LEU A 23 -19.43 7.56 1.49
N SER A 24 -20.72 7.80 1.70
CA SER A 24 -21.34 8.80 0.87
C SER A 24 -20.85 10.18 1.31
N GLU A 25 -21.00 11.15 0.44
CA GLU A 25 -20.68 12.53 0.78
C GLU A 25 -21.85 13.41 0.50
N PRO A 26 -22.24 14.24 1.47
CA PRO A 26 -21.54 14.56 2.72
C PRO A 26 -21.96 13.75 3.93
N GLY A 27 -22.90 12.84 3.72
CA GLY A 27 -23.50 12.20 4.88
C GLY A 27 -22.69 11.08 5.48
N LEU A 28 -21.70 10.52 4.75
CA LEU A 28 -20.85 9.44 5.29
C LEU A 28 -21.66 8.20 5.61
N VAL A 29 -22.69 7.95 4.80
CA VAL A 29 -23.40 6.67 4.88
C VAL A 29 -22.53 5.62 4.21
N LEU A 30 -22.40 4.43 4.82
CA LEU A 30 -21.63 3.39 4.16
C LEU A 30 -22.41 2.80 2.99
N THR A 31 -21.88 2.94 1.79
CA THR A 31 -22.50 2.31 0.64
C THR A 31 -21.85 1.00 0.27
N HIS A 32 -20.63 0.76 0.76
CA HIS A 32 -19.89 -0.44 0.43
C HIS A 32 -19.10 -0.84 1.69
N ALA A 33 -18.95 -2.14 1.90
CA ALA A 33 -18.16 -2.66 3.00
C ALA A 33 -17.63 -4.02 2.58
N SER A 34 -16.36 -4.23 2.85
CA SER A 34 -15.76 -5.51 2.50
C SER A 34 -16.27 -6.55 3.48
N GLU A 35 -16.31 -7.80 3.01
CA GLU A 35 -17.09 -8.80 3.71
C GLU A 35 -16.34 -9.43 4.86
N ASN A 36 -15.05 -9.11 5.03
CA ASN A 36 -14.29 -9.50 6.21
C ASN A 36 -14.55 -8.60 7.39
N ALA A 37 -15.48 -7.65 7.28
CA ALA A 37 -15.77 -6.78 8.41
C ALA A 37 -16.06 -7.52 9.71
N PRO A 38 -16.71 -8.70 9.72
CA PRO A 38 -16.91 -9.41 11.01
C PRO A 38 -15.61 -9.74 11.72
N ALA A 39 -14.67 -10.41 11.04
CA ALA A 39 -13.37 -10.66 11.63
C ALA A 39 -12.68 -9.37 12.08
N VAL A 40 -12.71 -8.32 11.27
CA VAL A 40 -11.82 -7.21 11.59
C VAL A 40 -12.46 -6.19 12.51
N LEU A 41 -13.74 -5.94 12.29
CA LEU A 41 -14.44 -4.83 12.93
C LEU A 41 -15.43 -5.29 14.00
N GLY A 42 -15.91 -6.52 13.92
CA GLY A 42 -16.94 -6.95 14.84
C GLY A 42 -18.35 -6.57 14.44
N ASN A 43 -18.58 -6.28 13.15
CA ASN A 43 -19.91 -5.99 12.62
C ASN A 43 -20.08 -6.73 11.30
N SER A 44 -21.32 -7.04 10.96
CA SER A 44 -21.60 -7.68 9.68
C SER A 44 -21.82 -6.64 8.58
N ALA A 45 -21.77 -7.10 7.33
CA ALA A 45 -22.09 -6.19 6.24
C ALA A 45 -23.51 -5.66 6.39
N GLU A 46 -24.44 -6.49 6.89
CA GLU A 46 -25.83 -6.05 7.05
C GLU A 46 -25.94 -4.95 8.09
N GLN A 47 -25.12 -5.01 9.13
CA GLN A 47 -25.16 -3.92 10.09
C GLN A 47 -24.51 -2.68 9.49
N LEU A 48 -23.59 -2.86 8.56
CA LEU A 48 -22.81 -1.74 8.06
C LEU A 48 -23.51 -0.99 6.93
N LEU A 49 -23.96 -1.70 5.90
CA LEU A 49 -24.46 -1.05 4.68
C LEU A 49 -25.67 -0.17 4.96
N GLY A 50 -25.54 1.11 4.63
CA GLY A 50 -26.55 2.11 4.82
C GLY A 50 -26.54 2.78 6.17
N ALA A 51 -25.67 2.35 7.09
CA ALA A 51 -25.54 3.05 8.35
C ALA A 51 -24.59 4.22 8.18
N PRO A 52 -24.76 5.28 8.97
CA PRO A 52 -23.77 6.37 9.01
C PRO A 52 -22.52 5.97 9.78
N LEU A 53 -21.35 6.40 9.28
CA LEU A 53 -20.08 6.05 9.91
C LEU A 53 -20.10 6.34 11.40
N GLY A 54 -20.63 7.51 11.78
CA GLY A 54 -20.58 7.93 13.16
C GLY A 54 -21.15 6.92 14.12
N HIS A 55 -22.14 6.13 13.68
CA HIS A 55 -22.76 5.19 14.58
C HIS A 55 -21.76 4.22 15.19
N PHE A 56 -20.63 3.99 14.54
CA PHE A 56 -19.67 2.97 14.95
C PHE A 56 -18.42 3.56 15.61
N ILE A 57 -18.32 4.88 15.70
CA ILE A 57 -17.12 5.56 16.12
C ILE A 57 -17.29 5.96 17.59
N GLU A 58 -16.26 5.71 18.40
CA GLU A 58 -16.23 6.16 19.78
C GLU A 58 -16.52 7.67 19.84
N PRO A 59 -17.44 8.13 20.69
CA PRO A 59 -18.00 9.49 20.49
C PRO A 59 -17.01 10.63 20.60
N SER A 60 -15.91 10.48 21.35
CA SER A 60 -14.97 11.59 21.54
C SER A 60 -14.03 11.80 20.35
N VAL A 61 -13.80 10.78 19.53
CA VAL A 61 -13.03 10.97 18.30
C VAL A 61 -13.92 11.11 17.08
N ARG A 62 -15.24 11.14 17.27
CA ARG A 62 -16.17 11.05 16.15
C ARG A 62 -16.20 12.36 15.34
N GLU A 63 -16.46 13.49 16.01
CA GLU A 63 -16.51 14.76 15.29
C GLU A 63 -15.23 15.08 14.53
N PRO A 64 -14.02 14.86 15.08
CA PRO A 64 -12.82 15.18 14.29
C PRO A 64 -12.64 14.27 13.10
N LEU A 65 -12.96 12.98 13.26
CA LEU A 65 -12.91 12.05 12.14
C LEU A 65 -13.84 12.48 11.01
N GLU A 66 -15.09 12.83 11.35
CA GLU A 66 -16.04 13.26 10.32
C GLU A 66 -15.59 14.55 9.66
N ALA A 67 -15.07 15.47 10.47
CA ALA A 67 -14.53 16.71 9.90
C ALA A 67 -13.41 16.42 8.91
N ASP A 68 -12.50 15.51 9.25
CA ASP A 68 -11.42 15.14 8.32
C ASP A 68 -11.97 14.53 7.05
N LEU A 69 -12.89 13.57 7.21
CA LEU A 69 -13.45 12.87 6.06
C LEU A 69 -14.14 13.81 5.11
N ARG A 70 -14.73 14.90 5.61
CA ARG A 70 -15.33 15.88 4.72
C ARG A 70 -14.34 16.93 4.24
N SER A 71 -13.09 16.87 4.68
CA SER A 71 -12.19 17.99 4.42
C SER A 71 -11.78 18.12 2.96
N ALA A 72 -11.25 17.08 2.35
CA ALA A 72 -10.45 17.33 1.11
C ALA A 72 -9.76 18.69 1.09
N ARG A 73 -8.59 19.00 1.65
CA ARG A 73 -7.41 18.33 2.23
C ARG A 73 -7.26 16.90 2.80
N LEU A 74 -7.96 15.92 2.24
CA LEU A 74 -8.07 14.60 2.86
C LEU A 74 -6.70 13.91 3.10
N LYS A 75 -5.89 13.64 2.11
CA LYS A 75 -4.50 13.58 2.70
C LYS A 75 -4.02 14.45 1.78
N GLN A 76 -3.44 15.53 2.30
CA GLN A 76 -2.82 15.84 3.63
C GLN A 76 -3.22 15.42 5.08
N LEU A 77 -4.41 14.89 5.38
CA LEU A 77 -4.75 14.55 6.77
C LEU A 77 -4.49 13.10 7.13
N ASN A 78 -4.31 12.19 6.16
CA ASN A 78 -4.00 10.82 6.51
C ASN A 78 -2.70 10.75 7.32
N PRO A 79 -2.58 9.78 8.24
CA PRO A 79 -3.63 8.82 8.60
C PRO A 79 -4.66 9.38 9.57
N LEU A 80 -5.90 8.89 9.42
CA LEU A 80 -6.98 9.25 10.34
C LEU A 80 -6.96 8.32 11.54
N LYS A 81 -7.25 8.87 12.70
CA LYS A 81 -7.39 8.10 13.92
C LYS A 81 -8.82 7.57 13.98
N VAL A 82 -8.98 6.25 13.93
CA VAL A 82 -10.29 5.63 13.88
C VAL A 82 -10.38 4.70 15.05
N VAL A 83 -11.30 4.99 15.97
CA VAL A 83 -11.56 4.12 17.09
C VAL A 83 -12.96 3.56 16.88
N TRP A 84 -13.02 2.28 16.65
CA TRP A 84 -14.25 1.58 16.28
C TRP A 84 -14.86 0.97 17.54
N ARG A 85 -15.99 1.51 18.01
CA ARG A 85 -16.65 1.05 19.25
C ARG A 85 -17.80 0.10 18.90
N VAL A 86 -17.64 -1.18 19.20
CA VAL A 86 -18.71 -2.12 18.91
C VAL A 86 -19.18 -2.75 20.22
N ASP A 87 -18.41 -3.66 20.78
CA ASP A 87 -18.96 -4.54 21.80
C ASP A 87 -19.49 -3.85 23.11
N GLY A 88 -18.86 -2.81 23.67
CA GLY A 88 -17.63 -2.20 23.17
C GLY A 88 -16.83 -1.54 24.28
N VAL A 89 -15.54 -1.86 24.46
CA VAL A 89 -14.61 -2.52 23.50
C VAL A 89 -14.39 -1.65 22.26
N ASP A 90 -13.45 -0.72 22.43
CA ASP A 90 -12.85 0.02 21.33
C ASP A 90 -11.78 -0.82 20.63
N ARG A 91 -11.78 -0.75 19.30
CA ARG A 91 -10.68 -1.23 18.48
C ARG A 91 -10.05 -0.04 17.75
N PHE A 92 -8.75 -0.11 17.52
CA PHE A 92 -8.03 1.06 17.03
C PHE A 92 -7.50 0.79 15.63
N PHE A 93 -7.67 1.77 14.75
CA PHE A 93 -7.27 1.62 13.37
C PHE A 93 -6.60 2.90 12.88
N ASP A 94 -5.62 2.75 11.97
CA ASP A 94 -5.25 3.85 11.08
C ASP A 94 -6.18 3.80 9.88
N GLY A 95 -6.85 4.92 9.61
CA GLY A 95 -7.65 5.07 8.43
C GLY A 95 -6.86 5.79 7.36
N ILE A 96 -6.86 5.24 6.16
CA ILE A 96 -6.33 5.90 4.99
C ILE A 96 -7.53 6.16 4.11
N ALA A 97 -7.91 7.43 3.92
CA ALA A 97 -9.07 7.78 3.11
C ALA A 97 -8.62 8.53 1.86
N HIS A 98 -9.30 8.28 0.75
CA HIS A 98 -9.03 8.98 -0.51
C HIS A 98 -10.33 9.09 -1.32
N ARG A 99 -10.34 10.05 -2.24
CA ARG A 99 -11.42 10.21 -3.20
C ARG A 99 -10.90 9.81 -4.57
N HIS A 100 -11.65 8.96 -5.25
CA HIS A 100 -11.30 8.62 -6.62
C HIS A 100 -12.57 8.23 -7.36
N GLN A 101 -12.69 8.71 -8.59
CA GLN A 101 -13.87 8.47 -9.45
C GLN A 101 -15.17 8.74 -8.72
N GLY A 102 -15.19 9.78 -7.90
CA GLY A 102 -16.42 10.13 -7.27
C GLY A 102 -16.78 9.36 -6.04
N ARG A 103 -15.89 8.46 -5.56
CA ARG A 103 -16.12 7.70 -4.36
C ARG A 103 -15.18 8.16 -3.26
N LEU A 104 -15.65 8.11 -2.04
CA LEU A 104 -14.84 8.37 -0.86
C LEU A 104 -14.57 7.02 -0.22
N ILE A 105 -13.34 6.56 -0.30
CA ILE A 105 -12.96 5.23 0.15
C ILE A 105 -12.16 5.38 1.44
N LEU A 106 -12.55 4.66 2.47
CA LEU A 106 -11.87 4.65 3.77
C LEU A 106 -11.36 3.25 4.03
N GLU A 107 -10.03 3.10 4.13
CA GLU A 107 -9.39 1.82 4.40
C GLU A 107 -8.89 1.79 5.83
N LEU A 108 -9.12 0.66 6.50
CA LEU A 108 -8.86 0.55 7.93
C LEU A 108 -7.86 -0.58 8.14
N GLU A 109 -6.66 -0.22 8.67
CA GLU A 109 -5.73 -1.26 9.11
C GLU A 109 -5.53 -1.17 10.62
N PRO A 110 -5.46 -2.30 11.31
CA PRO A 110 -5.31 -2.26 12.79
C PRO A 110 -4.06 -1.48 13.19
N SER A 111 -4.23 -0.60 14.18
CA SER A 111 -3.12 0.25 14.64
C SER A 111 -1.98 -0.63 15.16
N SER A 112 -0.75 -0.21 14.87
CA SER A 112 0.44 -0.99 15.18
C SER A 112 0.45 -1.42 16.64
N HIS A 113 1.09 -2.56 16.93
CA HIS A 113 1.23 -3.14 18.27
C HIS A 113 1.66 -2.08 19.32
N ARG A 114 1.43 -0.79 19.02
CA ARG A 114 1.88 0.34 19.82
C ARG A 114 3.44 0.22 19.78
N GLU A 115 4.25 0.61 20.79
CA GLU A 115 3.90 1.39 21.98
C GLU A 115 4.73 2.67 22.03
N ALA A 116 5.88 2.64 21.34
CA ALA A 116 6.73 3.81 21.18
C ALA A 116 5.90 5.01 20.74
N VAL A 117 6.45 6.22 20.92
CA VAL A 117 5.74 7.47 20.66
C VAL A 117 5.21 7.42 19.23
N PRO A 118 3.96 7.82 18.97
CA PRO A 118 3.48 7.82 17.59
C PRO A 118 4.30 8.80 16.75
N PHE A 119 4.73 8.35 15.57
CA PHE A 119 5.42 9.13 14.55
C PHE A 119 6.90 9.41 14.88
N LEU A 120 7.39 9.00 16.05
CA LEU A 120 8.81 9.09 16.35
C LEU A 120 9.62 8.20 15.43
N SER A 121 9.13 7.00 15.17
CA SER A 121 9.89 6.13 14.29
C SER A 121 9.96 6.68 12.86
N PHE A 122 8.91 7.33 12.36
CA PHE A 122 8.97 8.00 11.07
C PHE A 122 10.01 9.15 11.09
N PHE A 123 9.96 9.99 12.14
CA PHE A 123 10.90 11.10 12.31
C PHE A 123 12.35 10.64 12.14
N HIS A 124 12.75 9.62 12.90
CA HIS A 124 14.11 9.08 12.80
C HIS A 124 14.39 8.43 11.44
N ALA A 125 13.43 7.64 10.93
CA ALA A 125 13.66 6.93 9.67
C ALA A 125 14.00 7.91 8.55
N VAL A 126 13.21 8.96 8.38
CA VAL A 126 13.43 9.83 7.23
C VAL A 126 14.67 10.74 7.43
N ARG A 127 14.95 11.17 8.67
CA ARG A 127 16.16 11.96 8.95
C ARG A 127 17.41 11.14 8.71
N ASP A 128 17.51 9.96 9.34
CA ASP A 128 18.70 9.14 9.11
C ASP A 128 18.78 8.73 7.64
N GLY A 129 17.62 8.40 7.04
CA GLY A 129 17.64 7.98 5.65
C GLY A 129 18.06 9.07 4.72
N LEU A 130 17.53 10.29 4.90
CA LEU A 130 17.93 11.36 4.01
C LEU A 130 19.42 11.59 4.08
N SER A 131 20.01 11.48 5.26
CA SER A 131 21.43 11.83 5.29
C SER A 131 22.28 10.72 4.69
N ARG A 132 21.86 9.44 4.81
CA ARG A 132 22.57 8.40 4.04
C ARG A 132 22.40 8.55 2.52
N LEU A 133 21.19 8.87 2.04
CA LEU A 133 21.03 9.12 0.61
C LEU A 133 21.89 10.29 0.15
N ARG A 134 22.06 11.30 1.01
CA ARG A 134 22.83 12.43 0.53
C ARG A 134 24.31 12.14 0.49
N ASP A 135 24.79 11.17 1.28
CA ASP A 135 26.17 10.72 1.15
C ASP A 135 26.49 10.11 -0.21
N ALA A 136 25.49 9.64 -0.96
CA ALA A 136 25.79 8.99 -2.23
C ALA A 136 26.38 9.99 -3.22
N ARG A 137 27.43 9.56 -3.89
CA ARG A 137 28.14 10.42 -4.82
C ARG A 137 27.79 10.14 -6.29
N ASP A 138 27.02 9.10 -6.59
CA ASP A 138 26.54 8.85 -7.95
C ASP A 138 25.32 7.92 -7.92
N LEU A 139 24.75 7.68 -9.10
CA LEU A 139 23.50 6.92 -9.20
C LEU A 139 23.64 5.56 -8.56
N GLN A 140 24.77 4.89 -8.78
CA GLN A 140 24.92 3.56 -8.21
C GLN A 140 24.98 3.62 -6.68
N GLU A 141 25.67 4.62 -6.12
CA GLU A 141 25.72 4.74 -4.67
C GLU A 141 24.35 5.07 -4.11
N LEU A 142 23.61 5.94 -4.78
CA LEU A 142 22.21 6.22 -4.41
C LEU A 142 21.41 4.92 -4.31
N CYS A 143 21.41 4.12 -5.40
CA CYS A 143 20.66 2.86 -5.42
C CYS A 143 21.05 1.97 -4.26
N GLU A 144 22.35 1.84 -3.99
CA GLU A 144 22.76 0.94 -2.92
C GLU A 144 22.37 1.49 -1.54
N ALA A 145 22.41 2.82 -1.39
CA ALA A 145 21.97 3.43 -0.13
C ALA A 145 20.48 3.15 0.11
N VAL A 146 19.67 3.29 -0.94
CA VAL A 146 18.21 3.17 -0.78
C VAL A 146 17.85 1.76 -0.38
N VAL A 147 18.46 0.81 -1.04
CA VAL A 147 18.12 -0.59 -0.84
C VAL A 147 18.55 -1.04 0.57
N GLN A 148 19.75 -0.62 1.01
CA GLN A 148 20.17 -0.87 2.39
C GLN A 148 19.23 -0.23 3.42
N GLU A 149 18.88 1.04 3.20
CA GLU A 149 17.97 1.70 4.14
C GLU A 149 16.61 1.01 4.19
N VAL A 150 16.04 0.71 3.02
CA VAL A 150 14.70 0.12 3.01
C VAL A 150 14.71 -1.25 3.65
N ARG A 151 15.75 -2.04 3.37
CA ARG A 151 15.84 -3.35 4.00
C ARG A 151 16.02 -3.21 5.51
N GLY A 152 16.85 -2.26 5.93
CA GLY A 152 17.01 -2.00 7.36
C GLY A 152 15.70 -1.63 8.04
N LEU A 153 14.92 -0.75 7.42
CA LEU A 153 13.70 -0.30 8.10
C LEU A 153 12.65 -1.41 8.16
N THR A 154 12.56 -2.25 7.12
CA THR A 154 11.45 -3.21 6.99
C THR A 154 11.80 -4.60 7.50
N GLY A 155 13.06 -4.98 7.41
CA GLY A 155 13.36 -6.38 7.66
C GLY A 155 13.04 -7.33 6.52
N PHE A 156 12.79 -6.81 5.32
CA PHE A 156 12.61 -7.72 4.19
C PHE A 156 13.90 -8.49 3.90
N ASP A 157 13.72 -9.75 3.50
CA ASP A 157 14.84 -10.58 3.05
C ASP A 157 15.58 -10.00 1.88
N ARG A 158 14.89 -9.36 0.93
CA ARG A 158 15.55 -8.82 -0.25
C ARG A 158 14.93 -7.46 -0.56
N ALA A 159 15.77 -6.52 -0.97
CA ALA A 159 15.29 -5.24 -1.46
C ALA A 159 16.15 -4.90 -2.66
N ILE A 160 15.52 -4.58 -3.81
CA ILE A 160 16.29 -4.25 -4.99
C ILE A 160 15.83 -2.92 -5.58
N ILE A 161 16.71 -2.32 -6.40
CA ILE A 161 16.28 -1.32 -7.37
C ILE A 161 16.10 -2.04 -8.72
N TYR A 162 14.92 -1.90 -9.32
CA TYR A 162 14.58 -2.52 -10.60
C TYR A 162 14.40 -1.40 -11.59
N ARG A 163 15.31 -1.24 -12.52
CA ARG A 163 15.29 -0.09 -13.41
C ARG A 163 14.73 -0.50 -14.78
N PHE A 164 13.83 0.31 -15.34
CA PHE A 164 13.25 0.03 -16.66
C PHE A 164 14.14 0.58 -17.78
N ASP A 165 14.29 -0.18 -18.86
CA ASP A 165 14.99 0.35 -20.02
C ASP A 165 13.98 0.97 -20.99
N ALA A 166 14.45 1.39 -22.18
CA ALA A 166 13.58 2.08 -23.12
C ALA A 166 12.42 1.22 -23.59
N GLU A 167 12.58 -0.10 -23.59
CA GLU A 167 11.51 -1.00 -23.99
C GLU A 167 10.65 -1.50 -22.83
N TRP A 168 10.88 -0.99 -21.62
CA TRP A 168 10.22 -1.43 -20.40
C TRP A 168 10.63 -2.82 -19.96
N ASN A 169 11.69 -3.38 -20.53
CA ASN A 169 12.36 -4.45 -19.81
C ASN A 169 13.01 -3.83 -18.56
N GLY A 170 13.31 -4.67 -17.58
CA GLY A 170 13.90 -4.19 -16.34
C GLY A 170 15.16 -4.95 -15.98
N SER A 171 16.03 -4.29 -15.18
CA SER A 171 17.14 -5.02 -14.61
C SER A 171 17.38 -4.62 -13.16
N VAL A 172 17.89 -5.58 -12.39
CA VAL A 172 18.21 -5.49 -10.98
C VAL A 172 19.59 -4.84 -10.89
N ILE A 173 19.60 -3.52 -10.71
CA ILE A 173 20.86 -2.77 -10.66
C ILE A 173 21.43 -2.55 -9.25
N ALA A 174 20.72 -2.91 -8.19
CA ALA A 174 21.18 -2.85 -6.80
C ALA A 174 20.35 -3.79 -5.97
N GLU A 175 20.97 -4.39 -4.96
CA GLU A 175 20.32 -5.39 -4.14
C GLU A 175 20.91 -5.41 -2.74
N ALA A 176 20.07 -5.45 -1.72
CA ALA A 176 20.48 -5.76 -0.36
C ALA A 176 19.68 -6.95 0.08
N ARG A 177 20.32 -7.89 0.76
CA ARG A 177 19.68 -9.16 1.00
C ARG A 177 20.23 -9.81 2.24
N ASP A 178 19.35 -10.52 2.93
CA ASP A 178 19.78 -11.62 3.77
C ASP A 178 20.49 -12.65 2.91
N ALA A 179 21.49 -13.33 3.48
CA ALA A 179 22.06 -14.49 2.81
C ALA A 179 21.19 -15.68 3.19
N ARG A 180 20.45 -16.22 2.23
CA ARG A 180 19.24 -17.03 2.43
C ARG A 180 18.25 -16.65 1.34
N ALA A 181 18.38 -15.42 0.87
CA ALA A 181 17.74 -14.99 -0.34
C ALA A 181 18.75 -15.14 -1.48
N ASP A 182 18.39 -15.88 -2.51
CA ASP A 182 19.24 -15.93 -3.70
C ASP A 182 19.48 -14.51 -4.24
N PRO A 183 20.64 -14.26 -4.83
CA PRO A 183 20.94 -12.92 -5.37
C PRO A 183 20.36 -12.73 -6.77
N TYR A 184 19.47 -11.73 -6.92
CA TYR A 184 18.93 -11.34 -8.22
C TYR A 184 19.74 -10.24 -8.87
N LEU A 185 20.75 -9.73 -8.18
CA LEU A 185 21.51 -8.60 -8.74
C LEU A 185 22.03 -8.92 -10.14
N GLY A 186 21.87 -7.97 -11.07
CA GLY A 186 22.34 -8.16 -12.42
C GLY A 186 21.36 -8.84 -13.38
N LEU A 187 20.32 -9.50 -12.87
CA LEU A 187 19.33 -10.13 -13.76
C LEU A 187 18.53 -9.11 -14.56
N HIS A 188 18.20 -9.45 -15.83
CA HIS A 188 17.28 -8.67 -16.66
C HIS A 188 16.02 -9.50 -16.91
N PHE A 189 14.87 -8.86 -16.99
CA PHE A 189 13.60 -9.55 -17.08
C PHE A 189 12.83 -8.88 -18.19
N PRO A 190 11.93 -9.59 -18.85
CA PRO A 190 11.19 -8.97 -19.96
C PRO A 190 10.09 -8.02 -19.47
N ALA A 191 9.72 -7.09 -20.35
CA ALA A 191 8.71 -6.08 -20.05
C ALA A 191 7.40 -6.69 -19.57
N SER A 192 7.04 -7.90 -20.05
CA SER A 192 5.73 -8.42 -19.67
C SER A 192 5.64 -8.85 -18.23
N ASP A 193 6.76 -9.01 -17.52
CA ASP A 193 6.67 -9.32 -16.10
C ASP A 193 6.01 -8.20 -15.31
N ILE A 194 6.10 -6.97 -15.80
CA ILE A 194 5.31 -5.91 -15.22
C ILE A 194 4.54 -5.27 -16.37
N PRO A 195 3.33 -5.76 -16.65
CA PRO A 195 2.66 -5.39 -17.91
C PRO A 195 2.19 -3.95 -17.88
N ARG A 196 1.80 -3.49 -19.07
CA ARG A 196 1.54 -2.09 -19.33
C ARG A 196 0.51 -1.48 -18.38
N GLN A 197 -0.58 -2.18 -18.11
CA GLN A 197 -1.56 -1.50 -17.27
C GLN A 197 -1.07 -1.42 -15.82
N ALA A 198 -0.21 -2.34 -15.39
CA ALA A 198 0.37 -2.23 -14.04
C ALA A 198 1.32 -1.04 -13.99
N ARG A 199 2.21 -0.93 -14.98
CA ARG A 199 3.14 0.19 -15.04
C ARG A 199 2.39 1.52 -15.07
N GLU A 200 1.28 1.59 -15.84
CA GLU A 200 0.47 2.80 -15.85
C GLU A 200 -0.14 3.08 -14.49
N LEU A 201 -0.67 2.06 -13.83
CA LEU A 201 -1.19 2.28 -12.49
C LEU A 201 -0.06 2.72 -11.55
N TYR A 202 1.16 2.18 -11.75
CA TYR A 202 2.22 2.46 -10.79
C TYR A 202 2.84 3.84 -11.03
N GLN A 203 2.58 4.47 -12.19
CA GLN A 203 2.89 5.89 -12.34
C GLN A 203 1.98 6.78 -11.52
N LEU A 204 0.81 6.31 -11.12
CA LEU A 204 -0.11 7.15 -10.36
C LEU A 204 -0.12 6.81 -8.88
N ASN A 205 -0.03 5.53 -8.54
CA ASN A 205 -0.11 5.06 -7.17
C ASN A 205 1.27 4.47 -6.87
N TRP A 206 2.04 5.13 -5.99
CA TRP A 206 3.47 4.84 -5.86
C TRP A 206 3.81 3.75 -4.85
N LEU A 207 2.83 3.08 -4.26
CA LEU A 207 3.09 2.08 -3.23
C LEU A 207 2.15 0.90 -3.37
N ARG A 208 2.68 -0.30 -3.26
CA ARG A 208 1.81 -1.46 -3.17
C ARG A 208 2.50 -2.37 -2.18
N ILE A 209 1.68 -3.08 -1.42
CA ILE A 209 2.19 -4.00 -0.43
C ILE A 209 1.31 -5.24 -0.38
N ILE A 210 1.96 -6.40 -0.36
CA ILE A 210 1.27 -7.68 -0.28
C ILE A 210 1.82 -8.40 0.94
N PRO A 211 1.25 -8.27 2.14
CA PRO A 211 1.93 -8.84 3.31
C PRO A 211 1.89 -10.35 3.31
N THR A 212 0.98 -10.98 2.57
CA THR A 212 1.07 -12.41 2.32
C THR A 212 0.45 -12.74 0.98
N ILE A 213 1.15 -13.55 0.18
CA ILE A 213 0.57 -13.91 -1.10
C ILE A 213 -0.51 -14.97 -0.98
N ASP A 214 -0.76 -15.51 0.23
CA ASP A 214 -1.76 -16.56 0.46
C ASP A 214 -2.88 -15.98 1.30
N TYR A 215 -3.95 -15.57 0.63
CA TYR A 215 -5.03 -14.92 1.35
C TYR A 215 -6.29 -15.19 0.58
N GLN A 216 -7.41 -15.13 1.27
CA GLN A 216 -8.70 -15.22 0.61
C GLN A 216 -9.23 -13.82 0.35
N PRO A 217 -9.40 -13.41 -0.91
CA PRO A 217 -9.90 -12.05 -1.19
C PRO A 217 -11.24 -11.81 -0.52
N ALA A 218 -11.43 -10.63 0.05
CA ALA A 218 -12.68 -10.29 0.71
C ALA A 218 -13.47 -9.39 -0.24
N ARG A 219 -14.58 -9.92 -0.74
CA ARG A 219 -15.37 -9.19 -1.71
C ARG A 219 -15.96 -7.94 -1.09
N VAL A 220 -16.09 -6.92 -1.91
CA VAL A 220 -16.66 -5.65 -1.46
C VAL A 220 -18.16 -5.70 -1.76
N ARG A 221 -18.98 -5.71 -0.71
CA ARG A 221 -20.42 -5.66 -0.84
C ARG A 221 -20.94 -4.23 -0.87
N ALA A 222 -22.08 -4.03 -1.54
CA ALA A 222 -22.62 -2.71 -1.80
C ALA A 222 -24.13 -2.70 -1.60
N LEU A 223 -24.68 -1.54 -1.17
CA LEU A 223 -26.13 -1.30 -1.21
C LEU A 223 -26.69 -1.63 -2.60
N PRO A 224 -27.98 -1.99 -2.67
CA PRO A 224 -28.61 -2.20 -3.98
C PRO A 224 -28.49 -0.92 -4.81
N GLY A 225 -28.20 -1.08 -6.08
CA GLY A 225 -28.03 0.09 -6.93
C GLY A 225 -26.60 0.62 -6.95
N HIS A 226 -25.82 0.31 -5.92
CA HIS A 226 -24.41 0.66 -5.82
C HIS A 226 -23.61 -0.55 -6.27
N GLY A 227 -22.32 -0.51 -6.19
CA GLY A 227 -21.73 -1.75 -6.77
C GLY A 227 -22.16 -2.10 -8.23
N GLU A 228 -21.29 -2.64 -9.03
CA GLU A 228 -20.85 -1.83 -10.17
C GLU A 228 -19.40 -1.65 -9.78
N PRO A 229 -18.49 -1.88 -10.69
CA PRO A 229 -17.09 -2.05 -10.28
C PRO A 229 -16.59 -0.82 -9.54
N LEU A 230 -16.03 -1.07 -8.35
CA LEU A 230 -15.38 -0.07 -7.53
C LEU A 230 -13.96 0.16 -8.04
N ASP A 231 -13.64 1.37 -8.48
CA ASP A 231 -12.28 1.59 -8.96
C ASP A 231 -11.35 1.68 -7.74
N LEU A 232 -10.50 0.67 -7.58
CA LEU A 232 -9.61 0.51 -6.44
C LEU A 232 -8.16 0.94 -6.75
N SER A 233 -7.96 1.73 -7.82
CA SER A 233 -6.62 2.16 -8.26
C SER A 233 -5.76 2.72 -7.12
N PHE A 234 -6.35 3.50 -6.21
CA PHE A 234 -5.59 4.18 -5.15
C PHE A 234 -5.80 3.56 -3.79
N SER A 235 -6.38 2.38 -3.77
CA SER A 235 -6.65 1.68 -2.53
C SER A 235 -5.49 0.77 -2.12
N VAL A 236 -5.06 0.88 -0.86
CA VAL A 236 -3.92 0.11 -0.36
C VAL A 236 -4.27 -1.37 -0.24
N LEU A 237 -5.51 -1.67 0.07
CA LEU A 237 -5.91 -3.06 0.29
C LEU A 237 -6.33 -3.78 -0.99
N ARG A 238 -6.19 -3.14 -2.16
CA ARG A 238 -6.67 -3.72 -3.42
C ARG A 238 -6.12 -5.13 -3.63
N SER A 239 -7.01 -6.08 -3.90
CA SER A 239 -6.55 -7.44 -4.17
C SER A 239 -5.74 -7.47 -5.46
N VAL A 240 -4.61 -8.15 -5.45
CA VAL A 240 -3.73 -8.04 -6.61
C VAL A 240 -4.01 -9.16 -7.59
N SER A 241 -3.56 -8.95 -8.81
CA SER A 241 -3.76 -9.89 -9.88
C SER A 241 -3.30 -11.31 -9.50
N PRO A 242 -4.16 -12.32 -9.64
CA PRO A 242 -3.77 -13.68 -9.29
C PRO A 242 -2.63 -14.21 -10.10
N ILE A 243 -2.46 -13.77 -11.33
CA ILE A 243 -1.29 -14.25 -12.03
C ILE A 243 -0.02 -13.71 -11.39
N HIS A 244 -0.08 -12.51 -10.79
CA HIS A 244 1.14 -12.02 -10.13
C HIS A 244 1.41 -12.80 -8.86
N LEU A 245 0.36 -13.15 -8.11
CA LEU A 245 0.54 -14.00 -6.95
C LEU A 245 1.25 -15.30 -7.32
N GLU A 246 0.87 -15.88 -8.48
CA GLU A 246 1.52 -17.11 -8.93
C GLU A 246 2.97 -16.88 -9.28
N TYR A 247 3.27 -15.73 -9.89
CA TYR A 247 4.65 -15.39 -10.17
C TYR A 247 5.48 -15.31 -8.88
N LEU A 248 4.88 -14.76 -7.80
CA LEU A 248 5.62 -14.63 -6.54
C LEU A 248 5.79 -16.00 -5.89
N HIS A 249 4.71 -16.78 -5.87
CA HIS A 249 4.80 -18.17 -5.43
C HIS A 249 5.95 -18.88 -6.12
N ASN A 250 6.03 -18.72 -7.44
CA ASN A 250 7.06 -19.41 -8.18
C ASN A 250 8.45 -18.85 -7.95
N MET A 251 8.57 -17.54 -7.72
CA MET A 251 9.85 -17.02 -7.29
C MET A 251 10.22 -17.55 -5.91
N GLY A 252 9.28 -18.11 -5.17
CA GLY A 252 9.50 -18.47 -3.79
C GLY A 252 9.39 -17.31 -2.83
N VAL A 253 8.48 -16.37 -3.08
CA VAL A 253 8.34 -15.14 -2.31
C VAL A 253 7.00 -15.21 -1.58
N GLN A 254 7.03 -15.00 -0.27
CA GLN A 254 5.80 -15.09 0.50
C GLN A 254 5.15 -13.73 0.72
N ALA A 255 5.87 -12.63 0.53
CA ALA A 255 5.32 -11.31 0.80
C ALA A 255 6.15 -10.31 0.03
N SER A 256 5.52 -9.19 -0.33
CA SER A 256 6.14 -8.28 -1.27
C SER A 256 5.83 -6.84 -0.91
N MET A 257 6.68 -5.93 -1.34
CA MET A 257 6.31 -4.52 -1.28
C MET A 257 7.08 -3.81 -2.36
N SER A 258 6.45 -2.91 -3.12
CA SER A 258 7.24 -2.15 -4.05
C SER A 258 6.83 -0.68 -4.05
N ILE A 259 7.76 0.17 -4.45
CA ILE A 259 7.60 1.61 -4.46
C ILE A 259 8.03 2.16 -5.81
N SER A 260 7.22 3.02 -6.41
CA SER A 260 7.57 3.54 -7.73
C SER A 260 8.67 4.59 -7.61
N LEU A 261 9.58 4.56 -8.57
CA LEU A 261 10.59 5.60 -8.75
C LEU A 261 10.23 6.38 -9.99
N MET A 262 10.03 7.67 -9.84
CA MET A 262 9.54 8.53 -10.89
C MET A 262 10.64 9.47 -11.35
N LYS A 263 10.63 9.80 -12.64
CA LYS A 263 11.58 10.75 -13.20
C LYS A 263 10.92 11.49 -14.34
N ASP A 264 10.83 12.80 -14.20
CA ASP A 264 10.20 13.66 -15.21
C ASP A 264 8.78 13.18 -15.52
N GLY A 265 8.06 12.70 -14.50
CA GLY A 265 6.68 12.29 -14.71
C GLY A 265 6.51 10.87 -15.22
N LYS A 266 7.59 10.15 -15.43
CA LYS A 266 7.55 8.84 -16.06
C LYS A 266 8.13 7.82 -15.10
N LEU A 267 7.52 6.62 -15.06
CA LEU A 267 8.01 5.54 -14.21
C LEU A 267 9.43 5.16 -14.64
N TRP A 268 10.37 5.21 -13.70
CA TRP A 268 11.77 5.00 -13.98
C TRP A 268 12.23 3.66 -13.51
N GLY A 269 11.60 3.16 -12.47
CA GLY A 269 12.05 1.96 -11.83
C GLY A 269 11.21 1.72 -10.59
N LEU A 270 11.60 0.69 -9.85
CA LEU A 270 10.89 0.31 -8.64
C LEU A 270 11.91 -0.01 -7.57
N ILE A 271 11.58 0.31 -6.32
CA ILE A 271 12.17 -0.36 -5.18
C ILE A 271 11.27 -1.56 -4.94
N SER A 272 11.83 -2.75 -5.00
CA SER A 272 11.03 -3.96 -4.83
C SER A 272 11.60 -4.79 -3.69
N CYS A 273 10.74 -5.31 -2.81
CA CYS A 273 11.16 -6.02 -1.61
C CYS A 273 10.43 -7.33 -1.50
N HIS A 274 11.15 -8.34 -1.02
CA HIS A 274 10.58 -9.67 -0.86
C HIS A 274 10.86 -10.20 0.53
N GLN A 275 9.87 -10.88 1.09
CA GLN A 275 10.07 -11.80 2.19
C GLN A 275 10.04 -13.22 1.64
N VAL A 276 11.16 -13.95 1.81
CA VAL A 276 11.31 -15.27 1.21
C VAL A 276 10.61 -16.33 2.05
N SER A 277 10.66 -16.25 3.35
CA SER A 277 9.79 -17.12 4.13
C SER A 277 8.93 -16.30 5.07
N GLY A 278 7.69 -16.68 5.22
CA GLY A 278 6.92 -15.91 6.15
C GLY A 278 6.44 -14.58 5.60
N THR A 279 5.48 -14.05 6.34
CA THR A 279 4.69 -12.91 5.95
C THR A 279 5.40 -11.61 6.36
N ARG A 280 4.82 -10.48 5.98
CA ARG A 280 5.45 -9.20 6.30
C ARG A 280 4.40 -8.08 6.32
N TYR A 281 3.78 -7.86 7.48
CA TYR A 281 2.86 -6.76 7.64
C TYR A 281 3.65 -5.55 8.11
N VAL A 282 4.16 -4.77 7.17
CA VAL A 282 4.99 -3.59 7.49
C VAL A 282 4.14 -2.54 8.22
N PRO A 283 4.53 -2.07 9.40
CA PRO A 283 3.74 -1.02 10.08
C PRO A 283 3.60 0.23 9.23
N TYR A 284 2.50 0.96 9.47
CA TYR A 284 2.21 2.18 8.72
C TYR A 284 3.38 3.16 8.71
N GLU A 285 3.95 3.48 9.89
CA GLU A 285 5.04 4.45 9.93
C GLU A 285 6.25 3.97 9.10
N VAL A 286 6.53 2.68 9.09
CA VAL A 286 7.66 2.19 8.32
C VAL A 286 7.37 2.29 6.81
N ARG A 287 6.20 1.82 6.38
CA ARG A 287 5.82 1.91 4.97
C ARG A 287 5.90 3.33 4.46
N THR A 288 5.28 4.23 5.20
CA THR A 288 5.27 5.63 4.80
C THR A 288 6.70 6.23 4.79
N ALA A 289 7.56 5.83 5.73
CA ALA A 289 8.95 6.30 5.66
C ALA A 289 9.65 5.79 4.40
N CYS A 290 9.40 4.53 4.05
CA CYS A 290 9.98 4.00 2.82
C CYS A 290 9.46 4.71 1.59
N GLU A 291 8.16 4.98 1.53
CA GLU A 291 7.66 5.76 0.39
C GLU A 291 8.32 7.13 0.35
N PHE A 292 8.51 7.74 1.53
CA PHE A 292 9.13 9.07 1.53
C PHE A 292 10.54 9.01 0.96
N LEU A 293 11.29 7.97 1.33
CA LEU A 293 12.63 7.81 0.79
C LEU A 293 12.60 7.59 -0.73
N GLY A 294 11.58 6.87 -1.21
CA GLY A 294 11.45 6.73 -2.65
C GLY A 294 11.14 8.04 -3.33
N GLU A 295 10.31 8.88 -2.72
CA GLU A 295 10.16 10.22 -3.29
C GLU A 295 11.47 11.01 -3.30
N VAL A 296 12.27 10.91 -2.22
CA VAL A 296 13.55 11.62 -2.23
C VAL A 296 14.43 11.09 -3.34
N MET A 297 14.57 9.76 -3.41
CA MET A 297 15.36 9.22 -4.52
C MET A 297 14.82 9.66 -5.87
N SER A 298 13.49 9.66 -6.04
CA SER A 298 12.94 10.10 -7.31
C SER A 298 13.34 11.55 -7.60
N SER A 299 13.29 12.42 -6.58
CA SER A 299 13.69 13.81 -6.81
C SER A 299 15.18 13.91 -7.13
N LEU A 300 16.00 13.05 -6.55
CA LEU A 300 17.42 13.07 -6.87
C LEU A 300 17.72 12.45 -8.24
N LEU A 301 16.79 11.76 -8.87
CA LEU A 301 17.13 11.22 -10.20
C LEU A 301 17.27 12.36 -11.20
N ALA A 302 18.00 13.41 -10.81
CA ALA A 302 18.67 14.31 -11.75
C ALA A 302 20.19 14.13 -11.76
N ALA A 303 20.74 13.45 -10.73
CA ALA A 303 22.15 12.98 -10.62
C ALA A 303 22.26 11.43 -10.34
CHA BLR B . 3.04 -6.80 -10.85
NA BLR B . 5.39 -7.72 -11.20
C1A BLR B . 4.53 -6.91 -10.59
C2A BLR B . 5.19 -6.18 -9.58
C3A BLR B . 6.48 -6.50 -9.61
C4A BLR B . 6.60 -7.48 -10.62
CMA BLR B . 7.53 -5.88 -8.66
CAA BLR B . 4.52 -5.17 -8.65
CBA BLR B . 3.78 -5.85 -7.46
CGA BLR B . 4.77 -6.30 -6.35
O1A BLR B . 5.53 -5.41 -5.84
O2A BLR B . 4.91 -7.51 -5.95
CHB BLR B . 7.81 -8.22 -11.12
NB BLR B . 9.15 -8.31 -9.00
C1B BLR B . 8.93 -8.38 -10.49
C2B BLR B . 10.23 -8.68 -11.10
C3B BLR B . 11.22 -8.79 -10.10
C4B BLR B . 10.64 -8.53 -8.78
CMB BLR B . 10.52 -8.86 -12.61
OB BLR B . 11.17 -8.52 -7.72
CAB BLR B . 12.69 -9.07 -10.41
CBB BLR B . 13.43 -9.54 -9.42
NC BLR B . 3.56 -10.99 -14.42
C1C BLR B . 4.23 -12.05 -15.27
C2C BLR B . 3.27 -12.40 -16.34
C3C BLR B . 2.11 -11.61 -16.23
C4C BLR B . 2.23 -10.70 -15.04
CMC BLR B . 3.61 -13.45 -17.38
OC BLR B . 5.29 -12.55 -15.13
CAC BLR B . 0.89 -11.68 -17.16
CBC BLR B . 1.05 -11.48 -18.47
CHD BLR B . 1.34 -9.85 -14.64
ND BLR B . 2.72 -8.51 -12.77
C1D BLR B . 1.51 -8.87 -13.52
C2D BLR B . 0.37 -8.07 -13.06
C3D BLR B . 0.86 -7.20 -12.00
C4D BLR B . 2.33 -7.45 -11.78
CMD BLR B . -1.04 -8.14 -13.63
CAD BLR B . 0.02 -6.23 -11.25
CBD BLR B . -0.30 -6.84 -9.91
CGD BLR B . -1.26 -5.83 -9.29
O1D BLR B . -0.89 -4.64 -9.00
O2D BLR B . -2.46 -6.20 -9.14
#